data_8OFD
#
_entry.id   8OFD
#
_cell.length_a   166.630
_cell.length_b   166.630
_cell.length_c   40.098
_cell.angle_alpha   90.000
_cell.angle_beta   90.000
_cell.angle_gamma   120.000
#
_symmetry.space_group_name_H-M   'P 3 2 1'
#
loop_
_entity.id
_entity.type
_entity.pdbx_description
1 polymer 'Conglutin beta 1'
2 non-polymer 'ACETATE ION'
3 non-polymer 'SODIUM ION'
4 non-polymer 'POTASSIUM ION'
5 water water
#
_entity_poly.entity_id   1
_entity_poly.type   'polypeptide(L)'
_entity_poly.pdbx_seq_one_letter_code
;RRQRNPYHFNSQRFQTLYKNRNGKIRVLERFDQRTNRLENLQNYRIVEFQSKPNTLILPKHSDADYVIVVLNGRATITIV
NPDRRQAYNLEYGDALRIPAGSTSYILNPDDNQKLRVVKLAIPINNPGYFYDFYPSSTKDQQSYFSGFSRNTLEATFNTR
YEEIQRILLGNEDEQEYEEQRRGQEQSHQDEGVIVRVSREQIQELTKYAQSSSGKDKPSQSGPFNLRSNEPIYSNKYGNF
YEITPDRNPQVQDLDISLTFTEINEGALLLPHYNSKAIFIVVVGEGNGKYELVGIRDQQRQQDEQEEEPEEVRRYSARLS
EGDIFVIPAGYPISVNASSNLRLLGFGINAYENQRNFLAGSEDNVIRQLDREVKELTFPGSAEDIERLIKNQQQSYFANA
LPQQQQQSEKEGRRGRRGPISSI
;
_entity_poly.pdbx_strand_id   A
#
loop_
_chem_comp.id
_chem_comp.type
_chem_comp.name
_chem_comp.formula
ACT non-polymer 'ACETATE ION' 'C2 H3 O2 -1'
K non-polymer 'POTASSIUM ION' 'K 1'
NA non-polymer 'SODIUM ION' 'Na 1'
#
# COMPACT_ATOMS: atom_id res chain seq x y z
N ARG A 1 -0.94 4.17 -25.54
CA ARG A 1 -0.26 5.07 -26.51
C ARG A 1 1.00 4.38 -27.03
N ARG A 2 1.43 4.74 -28.25
CA ARG A 2 2.61 4.14 -28.84
C ARG A 2 3.77 4.35 -27.85
N GLN A 3 4.43 3.24 -27.48
CA GLN A 3 5.44 3.23 -26.45
C GLN A 3 4.71 3.24 -25.10
N ARG A 4 4.34 2.02 -24.65
CA ARG A 4 3.46 1.82 -23.50
C ARG A 4 4.21 2.10 -22.20
N ASN A 5 3.49 1.90 -21.08
CA ASN A 5 4.05 2.12 -19.75
C ASN A 5 3.95 0.86 -18.90
N PRO A 6 4.99 -0.02 -18.98
CA PRO A 6 5.11 -1.18 -18.10
C PRO A 6 4.97 -0.89 -16.61
N TYR A 7 5.50 0.26 -16.19
CA TYR A 7 5.66 0.64 -14.79
C TYR A 7 4.40 1.29 -14.19
N HIS A 8 3.37 1.51 -15.01
CA HIS A 8 2.14 2.14 -14.56
C HIS A 8 1.09 1.08 -14.35
N PHE A 9 0.47 1.11 -13.16
CA PHE A 9 -0.57 0.17 -12.77
C PHE A 9 -1.76 0.95 -12.24
N ASN A 10 -2.55 1.44 -13.19
CA ASN A 10 -3.77 2.17 -12.91
C ASN A 10 -4.69 1.34 -12.00
N SER A 11 -5.57 2.07 -11.28
CA SER A 11 -6.69 1.52 -10.51
C SER A 11 -7.30 0.27 -11.14
N GLN A 12 -7.42 0.22 -12.48
CA GLN A 12 -8.27 -0.77 -13.14
C GLN A 12 -7.69 -2.18 -13.02
N ARG A 13 -6.35 -2.25 -13.10
CA ARG A 13 -5.58 -3.49 -13.01
C ARG A 13 -5.64 -4.12 -11.62
N PHE A 14 -6.47 -3.57 -10.72
CA PHE A 14 -6.89 -4.30 -9.55
C PHE A 14 -7.96 -5.30 -9.97
N GLN A 15 -7.77 -6.57 -9.61
CA GLN A 15 -8.81 -7.57 -9.76
C GLN A 15 -9.54 -7.73 -8.42
N THR A 16 -10.86 -7.51 -8.40
CA THR A 16 -11.68 -7.86 -7.25
C THR A 16 -11.53 -9.34 -6.96
N LEU A 17 -11.33 -9.66 -5.66
CA LEU A 17 -11.34 -11.03 -5.15
C LEU A 17 -12.62 -11.29 -4.38
N TYR A 18 -13.26 -10.22 -3.92
CA TYR A 18 -14.32 -10.36 -2.95
C TYR A 18 -15.06 -9.05 -2.78
N LYS A 19 -16.29 -9.00 -3.27
CA LYS A 19 -17.15 -7.88 -2.99
C LYS A 19 -18.45 -8.43 -2.42
N ASN A 20 -18.78 -7.96 -1.22
CA ASN A 20 -20.14 -8.06 -0.70
C ASN A 20 -20.54 -6.65 -0.32
N ARG A 21 -21.65 -6.51 0.37
CA ARG A 21 -22.28 -5.22 0.58
C ARG A 21 -21.59 -4.47 1.72
N ASN A 22 -20.58 -5.10 2.34
CA ASN A 22 -19.93 -4.56 3.53
C ASN A 22 -18.51 -4.09 3.24
N GLY A 23 -17.84 -4.69 2.24
CA GLY A 23 -16.54 -4.22 1.80
C GLY A 23 -16.04 -4.95 0.56
N LYS A 24 -14.90 -4.48 0.01
CA LYS A 24 -14.24 -5.19 -1.07
C LYS A 24 -12.80 -5.53 -0.67
N ILE A 25 -12.20 -6.47 -1.41
CA ILE A 25 -10.83 -6.90 -1.21
C ILE A 25 -10.24 -7.11 -2.60
N ARG A 26 -9.55 -6.09 -3.12
CA ARG A 26 -8.96 -6.14 -4.46
C ARG A 26 -7.49 -6.53 -4.32
N VAL A 27 -6.93 -7.12 -5.40
CA VAL A 27 -5.49 -7.39 -5.48
C VAL A 27 -5.02 -6.99 -6.86
N LEU A 28 -3.75 -6.57 -6.95
CA LEU A 28 -3.23 -5.94 -8.16
C LEU A 28 -2.56 -7.02 -9.00
N GLU A 29 -2.62 -6.90 -10.33
CA GLU A 29 -1.96 -7.81 -11.24
C GLU A 29 -0.49 -8.00 -10.87
N ARG A 30 0.02 -9.20 -11.11
CA ARG A 30 1.39 -9.53 -10.77
C ARG A 30 2.31 -8.60 -11.55
N PHE A 31 3.22 -7.94 -10.83
CA PHE A 31 4.14 -6.98 -11.41
C PHE A 31 4.84 -7.48 -12.68
N ASP A 32 4.80 -8.79 -12.97
CA ASP A 32 5.55 -9.36 -14.08
C ASP A 32 4.59 -9.99 -15.09
N GLN A 33 3.37 -9.46 -15.14
CA GLN A 33 2.40 -10.00 -16.08
C GLN A 33 2.84 -9.62 -17.48
N ARG A 34 2.35 -8.48 -17.98
CA ARG A 34 2.69 -7.97 -19.30
C ARG A 34 4.21 -7.81 -19.42
N THR A 35 4.81 -7.07 -18.50
CA THR A 35 6.24 -6.80 -18.54
C THR A 35 7.04 -8.04 -18.18
N ASN A 36 8.30 -8.03 -18.61
CA ASN A 36 9.31 -8.92 -18.09
C ASN A 36 10.49 -8.07 -17.64
N ARG A 37 10.23 -6.76 -17.48
CA ARG A 37 11.17 -5.77 -16.97
C ARG A 37 11.07 -5.65 -15.44
N LEU A 38 10.05 -6.29 -14.84
CA LEU A 38 9.83 -6.17 -13.40
C LEU A 38 9.93 -7.53 -12.71
N GLU A 39 11.09 -8.20 -12.84
CA GLU A 39 11.26 -9.57 -12.39
C GLU A 39 11.61 -9.61 -10.90
N ASN A 40 12.48 -8.70 -10.48
CA ASN A 40 12.82 -8.57 -9.08
C ASN A 40 11.60 -8.26 -8.20
N LEU A 41 10.47 -7.86 -8.80
CA LEU A 41 9.26 -7.60 -8.02
C LEU A 41 8.27 -8.74 -8.15
N GLN A 42 8.75 -9.88 -8.65
CA GLN A 42 7.86 -10.97 -8.99
C GLN A 42 7.12 -11.43 -7.74
N ASN A 43 7.73 -11.31 -6.56
CA ASN A 43 7.09 -11.85 -5.38
C ASN A 43 6.01 -10.89 -4.86
N TYR A 44 6.32 -9.60 -4.72
CA TYR A 44 5.43 -8.63 -4.09
C TYR A 44 4.06 -8.67 -4.76
N ARG A 45 3.00 -8.50 -3.95
CA ARG A 45 1.70 -8.11 -4.49
C ARG A 45 1.11 -6.93 -3.71
N ILE A 46 0.19 -6.21 -4.35
CA ILE A 46 -0.48 -5.12 -3.67
C ILE A 46 -1.97 -5.47 -3.55
N VAL A 47 -2.42 -5.47 -2.30
CA VAL A 47 -3.82 -5.60 -1.94
C VAL A 47 -4.32 -4.26 -1.42
N GLU A 48 -5.41 -3.75 -2.01
CA GLU A 48 -6.29 -2.78 -1.36
C GLU A 48 -7.46 -3.55 -0.74
N PHE A 49 -7.75 -3.25 0.52
CA PHE A 49 -8.91 -3.77 1.20
C PHE A 49 -9.75 -2.60 1.70
N GLN A 50 -11.07 -2.71 1.57
CA GLN A 50 -11.97 -1.61 1.91
C GLN A 50 -13.15 -2.18 2.71
N SER A 51 -13.66 -1.39 3.66
CA SER A 51 -14.83 -1.81 4.41
C SER A 51 -15.66 -0.59 4.79
N LYS A 52 -16.93 -0.84 5.13
CA LYS A 52 -17.84 0.25 5.48
C LYS A 52 -17.94 0.27 6.99
N PRO A 53 -18.35 1.43 7.59
CA PRO A 53 -18.49 1.57 9.04
C PRO A 53 -19.11 0.37 9.75
N ASN A 54 -18.66 0.17 11.00
CA ASN A 54 -19.15 -0.93 11.81
C ASN A 54 -19.20 -2.20 10.98
N THR A 55 -18.03 -2.80 10.71
CA THR A 55 -17.95 -4.02 9.90
C THR A 55 -16.81 -4.91 10.42
N LEU A 56 -16.74 -6.15 9.91
CA LEU A 56 -15.67 -7.07 10.31
C LEU A 56 -15.31 -8.06 9.19
N ILE A 57 -14.06 -7.99 8.73
CA ILE A 57 -13.44 -9.12 8.06
C ILE A 57 -13.30 -10.27 9.06
N LEU A 58 -13.71 -11.46 8.65
CA LEU A 58 -13.60 -12.61 9.53
C LEU A 58 -12.14 -13.03 9.65
N PRO A 59 -11.78 -13.70 10.77
CA PRO A 59 -10.42 -14.20 10.98
C PRO A 59 -9.82 -14.85 9.73
N LYS A 60 -8.57 -14.48 9.46
N LYS A 60 -8.56 -14.48 9.44
CA LYS A 60 -7.83 -15.02 8.31
CA LYS A 60 -7.84 -15.01 8.30
C LYS A 60 -6.36 -15.09 8.72
C LYS A 60 -6.36 -15.06 8.67
N HIS A 61 -5.67 -16.06 8.12
CA HIS A 61 -4.21 -16.10 8.08
C HIS A 61 -3.84 -16.28 6.60
N SER A 62 -2.62 -15.85 6.20
CA SER A 62 -2.16 -15.98 4.83
C SER A 62 -0.77 -16.59 4.78
N ASP A 63 -0.36 -17.12 3.62
CA ASP A 63 1.00 -17.62 3.44
C ASP A 63 1.87 -16.53 2.82
N ALA A 64 1.98 -15.42 3.55
CA ALA A 64 2.56 -14.21 3.03
C ALA A 64 2.66 -13.22 4.16
N ASP A 65 3.70 -12.37 4.11
CA ASP A 65 3.83 -11.25 5.03
C ASP A 65 2.98 -10.11 4.52
N TYR A 66 2.66 -9.17 5.43
CA TYR A 66 1.81 -8.05 5.09
C TYR A 66 2.38 -6.78 5.73
N VAL A 67 2.45 -5.68 4.95
CA VAL A 67 2.69 -4.36 5.52
C VAL A 67 1.49 -3.47 5.24
N ILE A 68 0.68 -3.25 6.29
CA ILE A 68 -0.56 -2.48 6.28
C ILE A 68 -0.22 -0.99 6.32
N VAL A 69 -0.93 -0.18 5.50
CA VAL A 69 -0.95 1.27 5.63
C VAL A 69 -2.38 1.76 5.45
N VAL A 70 -2.97 2.40 6.48
CA VAL A 70 -4.33 2.94 6.44
C VAL A 70 -4.32 4.28 5.72
N LEU A 71 -4.83 4.29 4.48
CA LEU A 71 -4.86 5.53 3.71
C LEU A 71 -6.17 6.28 3.92
N ASN A 72 -7.05 5.78 4.81
CA ASN A 72 -8.36 6.37 5.01
C ASN A 72 -9.08 5.78 6.23
N GLY A 73 -9.37 6.62 7.25
CA GLY A 73 -10.26 6.28 8.35
C GLY A 73 -9.57 5.65 9.55
N ARG A 74 -10.30 4.75 10.24
CA ARG A 74 -9.82 4.06 11.43
C ARG A 74 -10.14 2.58 11.36
N ALA A 75 -9.36 1.75 12.07
CA ALA A 75 -9.69 0.34 12.27
C ALA A 75 -9.10 -0.15 13.58
N THR A 76 -9.76 -1.08 14.24
CA THR A 76 -9.08 -1.94 15.18
C THR A 76 -8.66 -3.18 14.41
N ILE A 77 -7.36 -3.51 14.50
CA ILE A 77 -6.90 -4.80 14.02
C ILE A 77 -6.53 -5.65 15.22
N THR A 78 -6.89 -6.92 15.12
CA THR A 78 -6.48 -7.91 16.10
C THR A 78 -5.58 -8.89 15.38
N ILE A 79 -4.58 -9.36 16.12
CA ILE A 79 -3.63 -10.36 15.66
C ILE A 79 -3.53 -11.43 16.71
N VAL A 80 -3.86 -12.69 16.35
CA VAL A 80 -4.00 -13.76 17.31
C VAL A 80 -2.93 -14.82 17.05
N ASN A 81 -2.40 -15.35 18.16
CA ASN A 81 -1.24 -16.20 18.20
C ASN A 81 -1.60 -17.47 18.95
N PRO A 82 -0.83 -18.57 18.80
CA PRO A 82 -0.90 -19.70 19.74
C PRO A 82 -0.93 -19.30 21.21
N ASP A 83 -0.20 -18.24 21.56
CA ASP A 83 -0.06 -17.78 22.94
C ASP A 83 -0.99 -16.59 23.20
N ARG A 84 -0.52 -15.35 22.99
CA ARG A 84 -1.25 -14.13 23.34
C ARG A 84 -2.21 -13.72 22.21
N ARG A 85 -2.98 -12.64 22.41
CA ARG A 85 -3.79 -12.05 21.35
C ARG A 85 -3.79 -10.52 21.49
N GLN A 86 -3.60 -9.79 20.40
CA GLN A 86 -3.40 -8.34 20.47
C GLN A 86 -4.48 -7.58 19.71
N ALA A 87 -4.40 -6.25 19.78
CA ALA A 87 -5.37 -5.41 19.09
C ALA A 87 -4.89 -3.97 19.14
N TYR A 88 -4.86 -3.32 17.99
CA TYR A 88 -4.50 -1.90 17.91
C TYR A 88 -5.59 -1.16 17.15
N ASN A 89 -5.92 0.02 17.65
CA ASN A 89 -6.56 1.01 16.81
C ASN A 89 -5.50 1.44 15.80
N LEU A 90 -5.94 1.87 14.64
CA LEU A 90 -5.05 2.44 13.65
C LEU A 90 -5.79 3.61 13.00
N GLU A 91 -5.14 4.79 12.98
CA GLU A 91 -5.69 5.98 12.35
C GLU A 91 -5.07 6.12 10.95
N TYR A 92 -5.53 7.12 10.19
CA TYR A 92 -4.85 7.52 8.96
C TYR A 92 -3.37 7.60 9.22
N GLY A 93 -2.58 7.04 8.29
CA GLY A 93 -1.14 7.15 8.36
C GLY A 93 -0.47 5.90 8.92
N ASP A 94 -1.17 5.15 9.80
CA ASP A 94 -0.55 4.07 10.55
C ASP A 94 -0.21 2.90 9.62
N ALA A 95 0.91 2.22 9.89
CA ALA A 95 1.32 1.02 9.17
C ALA A 95 1.64 -0.07 10.18
N LEU A 96 1.70 -1.32 9.74
CA LEU A 96 1.83 -2.43 10.66
C LEU A 96 2.22 -3.66 9.86
N ARG A 97 3.25 -4.38 10.34
CA ARG A 97 3.60 -5.66 9.74
C ARG A 97 2.77 -6.78 10.36
N ILE A 98 1.88 -7.41 9.56
CA ILE A 98 1.26 -8.66 9.95
C ILE A 98 2.17 -9.80 9.51
N PRO A 99 2.91 -10.50 10.40
CA PRO A 99 3.79 -11.57 9.95
C PRO A 99 2.99 -12.65 9.20
N ALA A 100 3.69 -13.65 8.67
CA ALA A 100 3.07 -14.71 7.90
C ALA A 100 2.59 -15.81 8.83
N GLY A 101 1.26 -16.01 8.89
CA GLY A 101 0.65 -17.06 9.69
C GLY A 101 -0.16 -16.50 10.84
N SER A 102 -0.03 -15.20 11.08
CA SER A 102 -0.77 -14.59 12.16
C SER A 102 -2.22 -14.67 11.75
N THR A 103 -3.02 -15.24 12.66
CA THR A 103 -4.45 -15.12 12.60
C THR A 103 -4.78 -13.66 12.83
N SER A 104 -5.44 -13.00 11.87
CA SER A 104 -5.87 -11.63 12.08
C SER A 104 -7.26 -11.40 11.51
N TYR A 105 -7.89 -10.31 11.97
CA TYR A 105 -9.17 -9.83 11.48
C TYR A 105 -9.25 -8.33 11.74
N ILE A 106 -9.92 -7.58 10.87
CA ILE A 106 -9.95 -6.13 10.98
C ILE A 106 -11.39 -5.61 11.06
N LEU A 107 -11.70 -4.92 12.16
CA LEU A 107 -12.99 -4.27 12.39
C LEU A 107 -12.91 -2.80 11.97
N ASN A 108 -13.98 -2.25 11.36
CA ASN A 108 -14.07 -0.82 11.10
C ASN A 108 -15.05 -0.18 12.06
N PRO A 109 -14.61 0.27 13.25
CA PRO A 109 -15.52 0.69 14.32
C PRO A 109 -16.19 2.03 14.04
N ASP A 110 -15.72 2.76 13.03
CA ASP A 110 -16.26 4.09 12.75
C ASP A 110 -17.72 3.97 12.36
N ASP A 111 -18.40 5.10 12.48
CA ASP A 111 -19.85 5.21 12.42
C ASP A 111 -20.25 5.68 11.03
N ASN A 112 -19.31 6.31 10.32
CA ASN A 112 -19.60 6.88 8.99
C ASN A 112 -18.36 6.96 8.10
N GLN A 113 -17.22 6.38 8.50
CA GLN A 113 -16.00 6.45 7.70
C GLN A 113 -15.64 5.06 7.15
N LYS A 114 -15.47 4.97 5.83
N LYS A 114 -15.47 4.97 5.83
CA LYS A 114 -14.99 3.76 5.19
CA LYS A 114 -14.99 3.75 5.20
C LYS A 114 -13.51 3.57 5.52
C LYS A 114 -13.51 3.57 5.51
N LEU A 115 -13.11 2.30 5.66
CA LEU A 115 -11.74 1.97 6.00
C LEU A 115 -11.03 1.63 4.71
N ARG A 116 -9.84 2.19 4.53
CA ARG A 116 -9.06 1.97 3.32
C ARG A 116 -7.65 1.55 3.73
N VAL A 117 -7.29 0.30 3.40
CA VAL A 117 -6.00 -0.28 3.75
C VAL A 117 -5.29 -0.64 2.44
N VAL A 118 -4.00 -0.31 2.33
CA VAL A 118 -3.24 -0.81 1.22
C VAL A 118 -2.12 -1.66 1.80
N LYS A 119 -2.02 -2.88 1.30
CA LYS A 119 -1.07 -3.86 1.80
C LYS A 119 -0.10 -4.22 0.68
N LEU A 120 1.20 -4.12 0.96
CA LEU A 120 2.22 -4.88 0.24
C LEU A 120 2.21 -6.30 0.83
N ALA A 121 2.16 -7.31 -0.03
CA ALA A 121 2.31 -8.68 0.43
C ALA A 121 3.51 -9.35 -0.24
N ILE A 122 4.26 -10.10 0.58
CA ILE A 122 5.40 -10.92 0.18
C ILE A 122 5.04 -12.38 0.45
N PRO A 123 4.52 -13.12 -0.55
CA PRO A 123 4.34 -14.58 -0.42
C PRO A 123 5.54 -15.37 0.14
N ILE A 124 5.25 -16.51 0.78
CA ILE A 124 6.23 -17.32 1.50
C ILE A 124 6.58 -18.55 0.68
N ASN A 125 5.59 -19.08 -0.05
CA ASN A 125 5.65 -20.41 -0.60
C ASN A 125 5.97 -20.36 -2.08
N ASN A 126 5.14 -19.60 -2.78
CA ASN A 126 5.19 -19.50 -4.22
C ASN A 126 5.19 -18.02 -4.61
N PRO A 127 5.69 -17.67 -5.79
CA PRO A 127 6.21 -16.34 -6.04
C PRO A 127 5.11 -15.55 -6.75
N GLY A 128 4.48 -14.64 -6.00
CA GLY A 128 3.41 -13.85 -6.53
C GLY A 128 2.05 -14.41 -6.16
N TYR A 129 2.02 -15.51 -5.40
CA TYR A 129 0.78 -16.19 -5.10
C TYR A 129 0.77 -16.57 -3.63
N PHE A 130 -0.31 -16.11 -2.97
CA PHE A 130 -0.69 -16.52 -1.63
C PHE A 130 -2.20 -16.76 -1.63
N TYR A 131 -2.69 -17.26 -0.48
CA TYR A 131 -4.08 -17.60 -0.29
C TYR A 131 -4.49 -17.23 1.13
N ASP A 132 -5.81 -17.14 1.28
CA ASP A 132 -6.43 -16.72 2.51
C ASP A 132 -7.10 -17.93 3.17
N PHE A 133 -6.68 -18.22 4.41
CA PHE A 133 -7.26 -19.31 5.20
C PHE A 133 -8.24 -18.73 6.23
N TYR A 134 -9.51 -19.16 6.14
CA TYR A 134 -10.57 -18.75 7.06
C TYR A 134 -11.08 -19.99 7.81
N PRO A 135 -11.23 -19.95 9.14
CA PRO A 135 -12.01 -20.97 9.84
C PRO A 135 -13.52 -20.82 9.61
N SER A 136 -13.98 -19.58 9.41
CA SER A 136 -15.37 -19.31 9.11
C SER A 136 -15.85 -20.18 7.95
N SER A 137 -17.14 -20.52 8.00
CA SER A 137 -17.86 -21.08 6.86
C SER A 137 -18.99 -20.14 6.46
N THR A 138 -18.84 -19.52 5.29
CA THR A 138 -19.87 -18.63 4.76
C THR A 138 -20.47 -19.25 3.50
N LYS A 139 -21.39 -18.50 2.88
CA LYS A 139 -21.84 -18.83 1.55
C LYS A 139 -20.79 -18.48 0.51
N ASP A 140 -19.59 -18.07 0.96
CA ASP A 140 -18.59 -17.47 0.07
C ASP A 140 -17.26 -18.21 0.18
N GLN A 141 -16.86 -18.54 1.40
CA GLN A 141 -15.72 -19.43 1.58
C GLN A 141 -16.12 -20.51 2.57
N GLN A 142 -15.42 -21.65 2.48
CA GLN A 142 -15.57 -22.73 3.43
C GLN A 142 -14.40 -22.68 4.40
N SER A 143 -14.53 -23.43 5.50
CA SER A 143 -13.48 -23.55 6.49
C SER A 143 -12.44 -24.52 5.98
N TYR A 144 -11.19 -24.38 6.45
CA TYR A 144 -10.22 -25.44 6.21
C TYR A 144 -10.65 -26.70 6.96
N PHE A 145 -11.46 -26.56 8.01
CA PHE A 145 -11.90 -27.73 8.76
C PHE A 145 -12.66 -28.64 7.80
N SER A 146 -13.32 -28.05 6.80
CA SER A 146 -14.08 -28.81 5.80
C SER A 146 -13.18 -29.72 4.95
N GLY A 147 -11.92 -29.31 4.75
CA GLY A 147 -10.97 -30.11 3.99
C GLY A 147 -10.51 -31.35 4.74
N PHE A 148 -10.82 -31.45 6.05
CA PHE A 148 -10.54 -32.68 6.79
C PHE A 148 -11.72 -33.65 6.64
N SER A 149 -11.42 -34.94 6.80
CA SER A 149 -12.42 -35.98 6.77
C SER A 149 -13.18 -35.98 8.09
N ARG A 150 -14.46 -36.37 8.02
CA ARG A 150 -15.33 -36.51 9.18
C ARG A 150 -14.61 -37.28 10.30
N ASN A 151 -14.01 -38.43 9.97
CA ASN A 151 -13.25 -39.16 10.98
C ASN A 151 -12.23 -38.23 11.62
N THR A 152 -11.50 -37.48 10.77
CA THR A 152 -10.40 -36.66 11.26
C THR A 152 -10.93 -35.52 12.11
N LEU A 153 -12.01 -34.88 11.64
CA LEU A 153 -12.63 -33.81 12.38
C LEU A 153 -13.14 -34.30 13.73
N GLU A 154 -13.62 -35.56 13.76
CA GLU A 154 -14.28 -36.10 14.94
C GLU A 154 -13.24 -36.43 15.99
N ALA A 155 -12.12 -37.05 15.59
CA ALA A 155 -10.98 -37.24 16.50
C ALA A 155 -10.54 -35.87 17.01
N THR A 156 -10.24 -34.99 16.05
CA THR A 156 -9.74 -33.65 16.30
C THR A 156 -10.54 -32.98 17.44
N PHE A 157 -11.81 -32.71 17.19
CA PHE A 157 -12.60 -31.92 18.12
C PHE A 157 -13.12 -32.77 19.28
N ASN A 158 -13.06 -34.09 19.12
CA ASN A 158 -13.56 -35.00 20.13
C ASN A 158 -15.06 -34.85 20.26
N THR A 159 -15.75 -34.88 19.10
CA THR A 159 -17.16 -34.51 18.98
C THR A 159 -17.78 -35.20 17.76
N ARG A 160 -19.06 -35.58 17.87
CA ARG A 160 -19.82 -36.12 16.76
C ARG A 160 -19.80 -35.13 15.62
N TYR A 161 -19.48 -35.61 14.40
CA TYR A 161 -19.45 -34.72 13.26
C TYR A 161 -20.69 -33.83 13.27
N GLU A 162 -21.83 -34.42 13.64
CA GLU A 162 -23.12 -33.75 13.60
C GLU A 162 -23.12 -32.54 14.53
N GLU A 163 -22.24 -32.52 15.54
CA GLU A 163 -22.19 -31.41 16.47
C GLU A 163 -21.18 -30.39 15.99
N ILE A 164 -20.05 -30.87 15.44
CA ILE A 164 -19.10 -30.01 14.78
C ILE A 164 -19.88 -29.23 13.72
N GLN A 165 -20.47 -29.98 12.79
CA GLN A 165 -21.19 -29.47 11.64
C GLN A 165 -22.17 -28.36 12.04
N ARG A 166 -22.92 -28.62 13.11
CA ARG A 166 -23.93 -27.69 13.57
C ARG A 166 -23.27 -26.42 14.11
N ILE A 167 -22.07 -26.55 14.70
CA ILE A 167 -21.48 -25.44 15.45
C ILE A 167 -20.40 -24.71 14.63
N LEU A 168 -19.47 -25.44 14.01
CA LEU A 168 -18.33 -24.80 13.38
C LEU A 168 -18.52 -24.62 11.87
N LEU A 169 -19.41 -25.42 11.26
CA LEU A 169 -19.44 -25.51 9.82
C LEU A 169 -20.72 -24.93 9.24
N GLY A 170 -21.82 -25.68 9.33
CA GLY A 170 -23.02 -25.41 8.55
C GLY A 170 -23.54 -26.70 7.91
N ASN A 171 -24.85 -26.73 7.65
CA ASN A 171 -25.56 -27.96 7.29
C ASN A 171 -26.02 -27.88 5.84
N GLU A 172 -26.53 -29.01 5.33
CA GLU A 172 -27.02 -29.10 3.96
C GLU A 172 -28.25 -28.23 3.79
N ASP A 173 -28.20 -27.32 2.80
CA ASP A 173 -29.32 -26.45 2.46
C ASP A 173 -29.10 -25.92 1.04
N GLU A 174 -29.62 -26.68 0.06
CA GLU A 174 -29.17 -26.62 -1.33
C GLU A 174 -30.21 -25.95 -2.21
N GLN A 175 -30.67 -24.74 -1.83
CA GLN A 175 -31.51 -23.94 -2.71
C GLN A 175 -31.17 -22.46 -2.53
N GLU A 176 -32.19 -21.60 -2.59
CA GLU A 176 -31.99 -20.23 -3.01
C GLU A 176 -33.28 -19.44 -2.82
N TYR A 177 -33.14 -18.18 -2.40
CA TYR A 177 -34.19 -17.18 -2.54
C TYR A 177 -33.54 -15.85 -2.94
N GLU A 178 -32.51 -15.45 -2.18
CA GLU A 178 -31.58 -14.37 -2.49
C GLU A 178 -32.23 -13.28 -3.35
N GLU A 179 -33.43 -12.83 -2.94
CA GLU A 179 -34.09 -11.70 -3.59
C GLU A 179 -34.74 -10.86 -2.50
N GLN A 180 -35.52 -9.84 -2.90
CA GLN A 180 -36.14 -8.88 -1.98
C GLN A 180 -35.05 -7.98 -1.39
N ARG A 181 -35.41 -6.74 -1.04
CA ARG A 181 -34.43 -5.70 -0.73
C ARG A 181 -34.81 -4.96 0.55
N ARG A 182 -33.80 -4.77 1.43
CA ARG A 182 -33.92 -3.95 2.64
C ARG A 182 -32.55 -3.81 3.32
N GLY A 183 -32.08 -4.90 3.95
CA GLY A 183 -30.90 -4.88 4.83
C GLY A 183 -31.20 -5.40 6.24
N GLN A 184 -30.35 -6.30 6.74
CA GLN A 184 -30.48 -6.86 8.08
C GLN A 184 -29.20 -7.61 8.45
N GLU A 185 -29.19 -8.93 8.20
CA GLU A 185 -28.07 -9.80 8.49
C GLU A 185 -28.29 -11.12 7.74
N GLN A 186 -27.43 -12.12 7.96
CA GLN A 186 -27.66 -13.45 7.40
C GLN A 186 -26.87 -14.48 8.22
N SER A 187 -27.54 -15.57 8.61
CA SER A 187 -27.02 -16.55 9.56
C SER A 187 -26.88 -15.93 10.95
N HIS A 188 -25.97 -14.96 11.08
CA HIS A 188 -25.79 -14.20 12.31
C HIS A 188 -25.25 -12.80 12.00
N GLN A 189 -24.31 -12.73 11.04
CA GLN A 189 -23.66 -11.51 10.62
C GLN A 189 -23.81 -11.39 9.12
N ASP A 190 -23.97 -10.17 8.59
CA ASP A 190 -24.25 -10.03 7.17
C ASP A 190 -23.38 -11.02 6.39
N GLU A 191 -24.00 -12.04 5.78
CA GLU A 191 -23.28 -13.21 5.32
C GLU A 191 -22.10 -12.82 4.44
N GLY A 192 -21.19 -13.78 4.27
CA GLY A 192 -19.93 -13.53 3.61
C GLY A 192 -18.82 -13.31 4.63
N VAL A 193 -17.66 -12.91 4.12
CA VAL A 193 -16.46 -12.81 4.93
C VAL A 193 -16.38 -11.42 5.57
N ILE A 194 -17.09 -10.44 5.00
CA ILE A 194 -17.15 -9.12 5.59
C ILE A 194 -18.59 -8.89 6.08
N VAL A 195 -18.72 -8.64 7.38
CA VAL A 195 -20.01 -8.77 8.04
C VAL A 195 -20.31 -7.47 8.78
N ARG A 196 -21.60 -7.28 9.12
CA ARG A 196 -22.03 -6.10 9.85
C ARG A 196 -21.93 -6.38 11.35
N VAL A 197 -21.49 -5.39 12.11
CA VAL A 197 -21.13 -5.60 13.50
C VAL A 197 -21.98 -4.67 14.37
N SER A 198 -22.26 -5.12 15.60
CA SER A 198 -23.02 -4.33 16.56
C SER A 198 -22.05 -3.45 17.35
N ARG A 199 -22.60 -2.36 17.92
CA ARG A 199 -21.83 -1.52 18.82
C ARG A 199 -21.41 -2.33 20.04
N GLU A 200 -22.39 -3.01 20.67
CA GLU A 200 -22.14 -3.97 21.74
C GLU A 200 -20.82 -4.69 21.48
N GLN A 201 -20.67 -5.17 20.25
CA GLN A 201 -19.49 -5.90 19.83
C GLN A 201 -18.32 -4.94 19.62
N ILE A 202 -18.52 -3.85 18.88
CA ILE A 202 -17.43 -2.89 18.69
C ILE A 202 -16.88 -2.46 20.05
N GLN A 203 -17.78 -2.17 20.99
CA GLN A 203 -17.37 -1.75 22.33
C GLN A 203 -16.49 -2.83 22.96
N GLU A 204 -16.97 -4.07 22.96
CA GLU A 204 -16.25 -5.16 23.59
C GLU A 204 -14.88 -5.32 22.93
N LEU A 205 -14.88 -5.29 21.60
CA LEU A 205 -13.72 -5.68 20.81
C LEU A 205 -12.61 -4.64 20.96
N THR A 206 -12.97 -3.35 20.95
CA THR A 206 -12.00 -2.27 21.04
C THR A 206 -11.45 -2.10 22.46
N LYS A 207 -12.11 -2.72 23.46
CA LYS A 207 -11.79 -2.45 24.85
C LYS A 207 -10.38 -2.96 25.19
N TYR A 208 -9.94 -4.00 24.47
CA TYR A 208 -8.60 -4.55 24.63
C TYR A 208 -7.58 -3.66 23.93
N ALA A 209 -8.00 -3.02 22.83
CA ALA A 209 -7.13 -2.43 21.82
C ALA A 209 -6.16 -1.39 22.40
N GLN A 210 -4.91 -1.45 21.91
CA GLN A 210 -3.88 -0.46 22.19
C GLN A 210 -4.12 0.73 21.27
N SER A 211 -4.55 1.85 21.84
CA SER A 211 -4.94 3.01 21.04
C SER A 211 -3.72 3.60 20.34
N SER A 212 -3.91 4.04 19.09
CA SER A 212 -2.89 4.76 18.34
C SER A 212 -2.98 6.23 18.70
N SER A 213 -3.88 6.97 18.03
CA SER A 213 -3.96 8.43 18.13
C SER A 213 -2.57 9.08 18.08
N GLY A 214 -1.86 9.13 19.23
CA GLY A 214 -0.49 9.61 19.28
C GLY A 214 0.38 8.88 18.26
N LYS A 215 1.16 9.63 17.47
CA LYS A 215 1.88 9.11 16.32
C LYS A 215 3.06 8.26 16.78
N ASP A 216 2.79 6.95 16.93
CA ASP A 216 3.72 6.02 17.53
C ASP A 216 4.93 5.86 16.60
N LYS A 217 6.10 5.61 17.21
CA LYS A 217 7.36 5.59 16.47
C LYS A 217 7.70 4.16 16.07
N PRO A 218 8.34 3.95 14.89
CA PRO A 218 8.80 2.64 14.45
C PRO A 218 9.43 1.76 15.55
N SER A 219 8.61 0.93 16.20
CA SER A 219 9.09 -0.06 17.14
C SER A 219 8.90 -1.45 16.53
N GLN A 220 8.80 -2.47 17.40
CA GLN A 220 8.68 -3.85 16.94
C GLN A 220 7.38 -4.49 17.44
N SER A 221 6.50 -3.66 18.02
CA SER A 221 5.34 -4.15 18.76
C SER A 221 4.04 -3.71 18.08
N GLY A 222 3.80 -2.40 18.02
CA GLY A 222 2.52 -1.88 17.57
C GLY A 222 2.62 -1.11 16.26
N PRO A 223 1.52 -0.45 15.84
CA PRO A 223 1.49 0.33 14.59
C PRO A 223 2.40 1.57 14.67
N PHE A 224 2.87 2.03 13.51
CA PHE A 224 3.75 3.19 13.46
C PHE A 224 3.26 4.12 12.36
N ASN A 225 3.06 5.40 12.71
CA ASN A 225 2.54 6.35 11.74
C ASN A 225 3.66 6.80 10.81
N LEU A 226 3.40 6.77 9.50
CA LEU A 226 4.42 7.14 8.51
C LEU A 226 4.72 8.63 8.57
N ARG A 227 4.07 9.37 9.49
CA ARG A 227 4.38 10.77 9.72
C ARG A 227 4.96 10.98 11.11
N SER A 228 5.40 9.88 11.74
CA SER A 228 5.87 9.89 13.11
C SER A 228 7.06 10.82 13.24
N ASN A 229 8.09 10.55 12.44
CA ASN A 229 9.26 11.41 12.42
C ASN A 229 8.88 12.69 11.68
N GLU A 230 9.64 13.75 11.97
CA GLU A 230 9.54 15.01 11.24
C GLU A 230 9.77 14.68 9.77
N PRO A 231 9.12 15.38 8.82
CA PRO A 231 9.45 15.20 7.40
C PRO A 231 10.96 15.14 7.18
N ILE A 232 11.35 14.32 6.22
CA ILE A 232 12.73 14.23 5.81
C ILE A 232 13.01 15.40 4.86
N TYR A 233 12.09 15.67 3.92
CA TYR A 233 12.14 16.90 3.14
C TYR A 233 10.85 17.66 3.37
N SER A 234 10.94 18.92 3.78
CA SER A 234 9.78 19.74 4.04
C SER A 234 10.03 21.16 3.58
N ASN A 235 9.14 21.68 2.76
CA ASN A 235 9.12 23.12 2.51
C ASN A 235 7.66 23.44 2.20
N LYS A 236 7.41 24.55 1.51
CA LYS A 236 6.06 25.01 1.27
C LYS A 236 5.48 24.47 -0.04
N TYR A 237 5.97 23.33 -0.53
CA TYR A 237 5.40 22.69 -1.70
C TYR A 237 5.01 21.25 -1.41
N GLY A 238 5.53 20.70 -0.31
CA GLY A 238 5.16 19.36 0.09
C GLY A 238 5.92 18.91 1.33
N ASN A 239 5.64 17.68 1.70
CA ASN A 239 6.28 17.01 2.81
C ASN A 239 6.69 15.63 2.31
N PHE A 240 7.85 15.19 2.75
CA PHE A 240 8.39 13.90 2.40
C PHE A 240 8.78 13.21 3.70
N TYR A 241 8.00 12.20 4.08
CA TYR A 241 8.33 11.36 5.22
C TYR A 241 8.94 10.07 4.70
N GLU A 242 9.65 9.32 5.55
CA GLU A 242 10.26 8.06 5.16
C GLU A 242 10.89 7.37 6.36
N ILE A 243 10.54 6.09 6.55
CA ILE A 243 11.16 5.25 7.56
C ILE A 243 12.01 4.21 6.84
N THR A 244 13.34 4.33 6.92
CA THR A 244 14.26 3.36 6.33
C THR A 244 14.26 2.08 7.16
N PRO A 245 14.47 0.88 6.58
CA PRO A 245 14.41 -0.39 7.32
C PRO A 245 15.28 -0.52 8.59
N ASP A 246 16.55 -0.11 8.47
CA ASP A 246 17.51 -0.14 9.57
C ASP A 246 17.03 0.63 10.79
N ARG A 247 16.15 1.62 10.61
CA ARG A 247 15.54 2.32 11.74
C ARG A 247 14.07 1.90 11.92
N ASN A 248 13.75 0.61 11.77
CA ASN A 248 12.36 0.17 11.89
C ASN A 248 12.32 -1.35 12.04
N PRO A 249 12.56 -1.85 13.27
CA PRO A 249 12.58 -3.29 13.57
C PRO A 249 11.49 -4.16 12.96
N GLN A 250 10.25 -3.65 12.88
CA GLN A 250 9.12 -4.43 12.40
C GLN A 250 9.30 -4.92 10.96
N VAL A 251 10.09 -4.23 10.13
CA VAL A 251 10.21 -4.65 8.74
C VAL A 251 11.68 -4.88 8.34
N GLN A 252 12.63 -4.68 9.26
CA GLN A 252 14.02 -4.56 8.82
C GLN A 252 14.48 -5.85 8.16
N ASP A 253 13.78 -6.95 8.42
CA ASP A 253 14.08 -8.21 7.77
C ASP A 253 13.55 -8.22 6.33
N LEU A 254 12.58 -7.33 6.02
CA LEU A 254 12.00 -7.27 4.67
C LEU A 254 12.74 -6.24 3.80
N ASP A 255 13.49 -5.34 4.45
CA ASP A 255 14.36 -4.38 3.79
C ASP A 255 13.51 -3.42 2.95
N ILE A 256 12.41 -2.99 3.57
CA ILE A 256 11.47 -2.06 3.00
C ILE A 256 11.65 -0.73 3.73
N SER A 257 11.78 0.36 2.96
CA SER A 257 11.45 1.68 3.47
C SER A 257 10.00 1.96 3.09
N LEU A 258 9.35 2.81 3.90
CA LEU A 258 8.03 3.32 3.60
C LEU A 258 8.09 4.84 3.55
N THR A 259 7.45 5.45 2.54
CA THR A 259 7.43 6.89 2.39
C THR A 259 5.99 7.41 2.38
N PHE A 260 5.82 8.68 2.72
CA PHE A 260 4.54 9.36 2.58
C PHE A 260 4.83 10.75 2.03
N THR A 261 4.71 10.92 0.73
CA THR A 261 4.96 12.19 0.08
C THR A 261 3.64 12.93 -0.15
N GLU A 262 3.49 14.10 0.47
CA GLU A 262 2.39 14.99 0.13
C GLU A 262 2.93 16.09 -0.79
N ILE A 263 2.45 16.12 -2.04
CA ILE A 263 2.80 17.18 -2.98
C ILE A 263 1.64 18.16 -3.03
N ASN A 264 1.91 19.42 -2.68
CA ASN A 264 0.86 20.43 -2.68
C ASN A 264 0.51 20.80 -4.13
N GLU A 265 -0.73 21.27 -4.34
CA GLU A 265 -1.20 21.57 -5.68
C GLU A 265 -0.21 22.50 -6.39
N GLY A 266 0.01 22.23 -7.68
CA GLY A 266 0.88 23.04 -8.51
C GLY A 266 2.35 22.89 -8.11
N ALA A 267 2.59 21.99 -7.15
CA ALA A 267 3.93 21.72 -6.68
C ALA A 267 4.49 20.57 -7.50
N LEU A 268 5.75 20.22 -7.23
CA LEU A 268 6.48 19.28 -8.05
C LEU A 268 7.55 18.63 -7.19
N LEU A 269 7.46 17.31 -7.00
CA LEU A 269 8.60 16.60 -6.48
C LEU A 269 9.72 16.63 -7.53
N LEU A 270 10.73 17.48 -7.29
CA LEU A 270 11.81 17.64 -8.23
C LEU A 270 12.43 16.28 -8.56
N PRO A 271 13.06 16.17 -9.76
CA PRO A 271 13.63 14.91 -10.24
C PRO A 271 14.74 14.36 -9.36
N HIS A 272 14.62 13.06 -9.06
CA HIS A 272 15.67 12.32 -8.36
C HIS A 272 15.76 10.94 -8.97
N TYR A 273 16.72 10.16 -8.44
CA TYR A 273 16.72 8.72 -8.63
C TYR A 273 17.06 8.03 -7.31
N ASN A 274 16.43 6.86 -7.11
CA ASN A 274 16.71 6.02 -5.96
C ASN A 274 17.91 5.13 -6.30
N SER A 275 18.97 5.22 -5.49
CA SER A 275 20.28 4.60 -5.77
C SER A 275 20.25 3.06 -5.82
N LYS A 276 19.59 2.39 -4.84
CA LYS A 276 19.39 0.94 -4.91
C LYS A 276 17.91 0.54 -4.82
N ALA A 277 17.08 1.39 -4.21
CA ALA A 277 15.72 1.04 -3.89
C ALA A 277 14.83 1.06 -5.14
N ILE A 278 14.04 0.00 -5.30
CA ILE A 278 12.92 -0.09 -6.24
C ILE A 278 11.68 0.33 -5.46
N PHE A 279 10.98 1.36 -5.94
CA PHE A 279 9.87 1.91 -5.17
C PHE A 279 8.54 1.53 -5.79
N ILE A 280 7.64 1.02 -4.96
CA ILE A 280 6.27 0.82 -5.41
C ILE A 280 5.41 1.94 -4.82
N VAL A 281 4.82 2.72 -5.72
CA VAL A 281 4.21 3.96 -5.31
C VAL A 281 2.70 3.80 -5.45
N VAL A 282 1.97 4.31 -4.45
CA VAL A 282 0.52 4.12 -4.28
C VAL A 282 -0.16 5.49 -4.11
N VAL A 283 -1.14 5.84 -4.96
CA VAL A 283 -1.86 7.10 -4.81
C VAL A 283 -3.04 6.94 -3.86
N GLY A 284 -2.96 7.63 -2.72
CA GLY A 284 -4.07 7.76 -1.79
C GLY A 284 -5.11 8.80 -2.23
N GLU A 285 -4.64 9.93 -2.80
CA GLU A 285 -5.46 11.11 -2.91
C GLU A 285 -4.83 12.06 -3.92
N GLY A 286 -5.68 12.85 -4.60
CA GLY A 286 -5.24 13.91 -5.49
C GLY A 286 -5.06 13.39 -6.91
N ASN A 287 -4.62 14.30 -7.79
CA ASN A 287 -4.40 14.03 -9.20
C ASN A 287 -3.05 14.62 -9.57
N GLY A 288 -2.38 14.00 -10.54
CA GLY A 288 -1.18 14.59 -11.12
C GLY A 288 -0.63 13.72 -12.24
N LYS A 289 0.57 14.08 -12.71
CA LYS A 289 1.27 13.33 -13.73
C LYS A 289 2.67 13.06 -13.21
N TYR A 290 3.30 11.99 -13.72
CA TYR A 290 4.72 11.79 -13.44
C TYR A 290 5.51 11.57 -14.71
N GLU A 291 6.82 11.73 -14.57
CA GLU A 291 7.74 11.41 -15.65
C GLU A 291 8.86 10.54 -15.07
N LEU A 292 8.89 9.27 -15.55
CA LEU A 292 9.98 8.35 -15.22
C LEU A 292 10.93 8.26 -16.40
N VAL A 293 12.24 8.22 -16.14
CA VAL A 293 13.17 8.18 -17.26
C VAL A 293 13.89 6.83 -17.29
N GLY A 294 13.81 6.16 -18.44
CA GLY A 294 14.57 4.95 -18.69
C GLY A 294 15.41 5.05 -19.97
N ILE A 295 16.41 4.16 -20.08
CA ILE A 295 17.15 3.95 -21.31
C ILE A 295 16.43 2.83 -22.06
N ARG A 296 15.78 3.18 -23.18
CA ARG A 296 15.11 2.20 -24.02
C ARG A 296 16.16 1.30 -24.67
N ASP A 297 16.33 0.09 -24.14
CA ASP A 297 17.22 -0.87 -24.80
C ASP A 297 16.67 -1.19 -26.19
N GLN A 298 15.34 -1.28 -26.28
CA GLN A 298 14.63 -1.50 -27.54
C GLN A 298 15.02 -2.90 -27.99
N GLN A 299 15.48 -3.04 -29.24
CA GLN A 299 16.02 -4.30 -29.74
C GLN A 299 15.09 -5.45 -29.37
N GLU A 308 21.77 5.79 -33.26
CA GLU A 308 23.15 6.28 -33.02
C GLU A 308 23.28 6.73 -31.56
N PRO A 309 22.80 7.94 -31.15
CA PRO A 309 22.86 8.31 -29.74
C PRO A 309 21.80 7.60 -28.89
N GLU A 310 22.27 6.71 -27.98
CA GLU A 310 21.51 6.13 -26.89
C GLU A 310 20.30 7.00 -26.55
N GLU A 311 19.10 6.47 -26.73
CA GLU A 311 17.89 7.23 -26.46
C GLU A 311 17.39 6.93 -25.06
N VAL A 312 16.93 7.99 -24.37
CA VAL A 312 16.27 7.87 -23.09
C VAL A 312 14.78 7.76 -23.37
N ARG A 313 14.00 7.31 -22.39
CA ARG A 313 12.57 7.09 -22.56
C ARG A 313 11.82 7.64 -21.36
N ARG A 314 10.89 8.56 -21.64
CA ARG A 314 9.93 9.01 -20.64
C ARG A 314 8.85 7.95 -20.57
N TYR A 315 8.42 7.60 -19.36
CA TYR A 315 7.23 6.77 -19.14
C TYR A 315 6.27 7.57 -18.27
N SER A 316 5.31 8.25 -18.91
CA SER A 316 4.40 9.13 -18.20
C SER A 316 3.05 8.45 -18.01
N ALA A 317 2.31 8.95 -17.02
CA ALA A 317 0.93 8.54 -16.81
C ALA A 317 0.24 9.55 -15.90
N ARG A 318 -1.04 9.85 -16.18
CA ARG A 318 -1.85 10.66 -15.30
C ARG A 318 -2.00 9.89 -13.99
N LEU A 319 -2.30 10.56 -12.87
CA LEU A 319 -2.43 9.91 -11.58
C LEU A 319 -3.74 10.32 -10.93
N SER A 320 -4.19 9.49 -9.98
CA SER A 320 -5.48 9.65 -9.32
C SER A 320 -5.61 8.65 -8.18
N GLU A 321 -6.61 8.84 -7.33
CA GLU A 321 -6.82 7.98 -6.18
C GLU A 321 -6.86 6.52 -6.61
N GLY A 322 -5.87 5.72 -6.14
CA GLY A 322 -5.89 4.26 -6.29
C GLY A 322 -4.74 3.71 -7.14
N ASP A 323 -4.24 4.51 -8.08
CA ASP A 323 -3.23 4.04 -9.03
C ASP A 323 -1.99 3.56 -8.30
N ILE A 324 -1.31 2.60 -8.94
CA ILE A 324 0.04 2.20 -8.57
C ILE A 324 0.95 2.53 -9.75
N PHE A 325 2.18 2.92 -9.42
CA PHE A 325 3.25 2.98 -10.39
C PHE A 325 4.51 2.57 -9.65
N VAL A 326 5.59 2.31 -10.39
CA VAL A 326 6.77 1.69 -9.84
C VAL A 326 7.97 2.50 -10.32
N ILE A 327 8.96 2.69 -9.44
CA ILE A 327 10.19 3.37 -9.79
C ILE A 327 11.38 2.41 -9.70
N PRO A 328 11.83 1.85 -10.85
CA PRO A 328 13.11 1.14 -10.90
C PRO A 328 14.24 1.97 -10.30
N ALA A 329 15.02 1.33 -9.42
CA ALA A 329 16.33 1.80 -9.00
C ALA A 329 17.04 2.53 -10.13
N GLY A 330 17.57 3.71 -9.81
CA GLY A 330 18.45 4.45 -10.69
C GLY A 330 17.67 5.32 -11.67
N TYR A 331 16.39 4.98 -11.92
CA TYR A 331 15.61 5.70 -12.91
C TYR A 331 15.16 7.00 -12.27
N PRO A 332 15.55 8.15 -12.86
CA PRO A 332 15.03 9.46 -12.45
C PRO A 332 13.52 9.58 -12.57
N ILE A 333 12.90 10.18 -11.54
CA ILE A 333 11.45 10.39 -11.48
C ILE A 333 11.18 11.83 -11.05
N SER A 334 10.02 12.34 -11.45
CA SER A 334 9.47 13.58 -10.93
C SER A 334 7.95 13.49 -11.01
N VAL A 335 7.25 14.20 -10.12
CA VAL A 335 5.82 14.00 -9.93
C VAL A 335 5.13 15.36 -9.71
N ASN A 336 4.04 15.60 -10.45
CA ASN A 336 3.35 16.88 -10.47
C ASN A 336 2.22 16.81 -9.46
N ALA A 337 1.45 17.90 -9.34
CA ALA A 337 0.22 17.85 -8.57
C ALA A 337 -0.79 18.87 -9.13
N SER A 338 -1.86 18.35 -9.73
CA SER A 338 -2.99 19.17 -10.14
C SER A 338 -3.77 19.49 -8.87
N SER A 339 -4.03 18.43 -8.10
CA SER A 339 -4.69 18.48 -6.80
C SER A 339 -3.75 17.91 -5.75
N ASN A 340 -4.03 18.20 -4.45
CA ASN A 340 -3.16 17.78 -3.36
C ASN A 340 -2.94 16.27 -3.47
N LEU A 341 -1.72 15.90 -3.92
CA LEU A 341 -1.39 14.53 -4.24
C LEU A 341 -0.66 13.92 -3.04
N ARG A 342 -1.17 12.78 -2.54
CA ARG A 342 -0.58 12.06 -1.42
C ARG A 342 -0.15 10.66 -1.86
N LEU A 343 1.13 10.31 -1.67
CA LEU A 343 1.65 9.06 -2.19
C LEU A 343 2.19 8.21 -1.05
N LEU A 344 1.94 6.89 -1.11
CA LEU A 344 2.58 5.88 -0.27
C LEU A 344 3.61 5.11 -1.09
N GLY A 345 4.84 5.06 -0.55
CA GLY A 345 5.96 4.46 -1.24
C GLY A 345 6.40 3.20 -0.52
N PHE A 346 6.31 2.06 -1.21
CA PHE A 346 7.00 0.84 -0.81
C PHE A 346 8.32 0.69 -1.55
N GLY A 347 9.41 1.01 -0.85
CA GLY A 347 10.75 0.89 -1.38
C GLY A 347 11.32 -0.49 -1.08
N ILE A 348 11.39 -1.32 -2.10
CA ILE A 348 12.10 -2.59 -2.04
C ILE A 348 13.59 -2.30 -2.11
N ASN A 349 14.39 -3.19 -1.48
CA ASN A 349 15.84 -3.15 -1.57
C ASN A 349 16.36 -1.85 -0.99
N ALA A 350 15.63 -1.33 0.00
CA ALA A 350 15.77 0.05 0.43
C ALA A 350 16.91 0.26 1.42
N TYR A 351 17.44 -0.80 2.03
CA TYR A 351 18.47 -0.61 3.04
C TYR A 351 19.71 -0.04 2.35
N GLU A 352 20.12 1.14 2.86
CA GLU A 352 21.26 1.91 2.37
C GLU A 352 20.90 2.75 1.16
N ASN A 353 19.60 2.92 0.86
CA ASN A 353 19.24 3.70 -0.31
C ASN A 353 19.74 5.12 -0.08
N GLN A 354 19.93 5.86 -1.17
CA GLN A 354 20.16 7.29 -1.10
C GLN A 354 19.46 7.95 -2.30
N ARG A 355 18.55 8.86 -1.98
CA ARG A 355 17.78 9.54 -3.00
C ARG A 355 18.60 10.70 -3.53
N ASN A 356 18.94 10.65 -4.82
CA ASN A 356 19.73 11.71 -5.41
C ASN A 356 18.83 12.63 -6.22
N PHE A 357 18.54 13.80 -5.65
CA PHE A 357 17.93 14.91 -6.38
C PHE A 357 18.93 15.40 -7.44
N LEU A 358 18.39 15.99 -8.51
CA LEU A 358 19.15 16.39 -9.68
C LEU A 358 18.94 17.88 -10.01
N ALA A 359 18.10 18.56 -9.23
CA ALA A 359 17.83 19.98 -9.35
C ALA A 359 17.71 20.60 -7.97
N GLY A 360 17.81 21.94 -7.92
CA GLY A 360 17.65 22.67 -6.67
C GLY A 360 18.91 22.57 -5.82
N SER A 361 18.78 22.89 -4.52
CA SER A 361 19.90 23.23 -3.66
C SER A 361 19.93 22.38 -2.39
N GLU A 362 19.57 21.09 -2.47
CA GLU A 362 20.11 20.10 -1.55
C GLU A 362 20.23 18.71 -2.21
N ASP A 363 21.13 17.89 -1.67
CA ASP A 363 21.34 16.52 -2.12
C ASP A 363 21.39 16.50 -3.66
N ASN A 364 21.95 17.57 -4.22
CA ASN A 364 21.96 17.80 -5.65
C ASN A 364 23.32 17.31 -6.17
N VAL A 365 23.31 16.14 -6.79
CA VAL A 365 24.55 15.45 -7.12
C VAL A 365 25.14 16.10 -8.34
N ILE A 366 24.33 16.83 -9.12
CA ILE A 366 24.86 17.50 -10.30
C ILE A 366 25.81 18.62 -9.87
N ARG A 367 25.42 19.38 -8.84
CA ARG A 367 26.22 20.48 -8.33
C ARG A 367 27.42 19.95 -7.56
N GLN A 368 27.25 18.78 -6.92
CA GLN A 368 28.32 18.17 -6.16
C GLN A 368 29.49 17.80 -7.07
N LEU A 369 29.27 17.85 -8.40
CA LEU A 369 30.35 17.57 -9.34
C LEU A 369 31.53 18.52 -9.17
N ASP A 370 32.71 18.08 -9.63
CA ASP A 370 33.89 18.92 -9.74
C ASP A 370 33.56 20.02 -10.76
N ARG A 371 33.92 21.27 -10.43
CA ARG A 371 33.76 22.38 -11.36
C ARG A 371 34.15 21.96 -12.78
N GLU A 372 35.40 21.51 -12.94
CA GLU A 372 35.97 21.30 -14.26
C GLU A 372 35.29 20.14 -14.97
N VAL A 373 34.46 19.34 -14.28
CA VAL A 373 33.80 18.20 -14.92
C VAL A 373 32.47 18.66 -15.48
N LYS A 374 31.74 19.46 -14.68
CA LYS A 374 30.59 20.20 -15.19
C LYS A 374 30.98 20.82 -16.54
N GLU A 375 32.13 21.50 -16.50
CA GLU A 375 32.83 22.06 -17.64
C GLU A 375 32.73 21.09 -18.82
N LEU A 376 33.28 19.88 -18.65
CA LEU A 376 33.41 18.90 -19.73
C LEU A 376 32.09 18.19 -20.00
N THR A 377 31.12 18.30 -19.09
CA THR A 377 29.97 17.42 -19.08
C THR A 377 28.83 18.02 -19.90
N PHE A 378 28.66 19.34 -19.79
CA PHE A 378 27.58 20.05 -20.45
C PHE A 378 28.17 21.06 -21.42
N PRO A 379 27.41 21.47 -22.47
CA PRO A 379 27.93 22.39 -23.48
C PRO A 379 28.23 23.81 -22.98
N GLY A 380 27.48 24.27 -21.99
CA GLY A 380 27.71 25.58 -21.38
C GLY A 380 29.09 25.72 -20.77
N SER A 381 29.53 26.97 -20.60
CA SER A 381 30.72 27.29 -19.82
C SER A 381 30.47 26.90 -18.37
N ALA A 382 31.54 26.58 -17.65
CA ALA A 382 31.47 26.19 -16.25
C ALA A 382 30.57 27.15 -15.47
N GLU A 383 30.84 28.45 -15.63
CA GLU A 383 30.17 29.51 -14.87
C GLU A 383 28.68 29.56 -15.23
N ASP A 384 28.37 29.34 -16.51
CA ASP A 384 26.98 29.32 -16.93
C ASP A 384 26.17 28.23 -16.22
N ILE A 385 26.83 27.12 -15.86
CA ILE A 385 26.17 25.96 -15.28
C ILE A 385 25.94 26.15 -13.77
N GLU A 386 26.95 26.71 -13.06
CA GLU A 386 26.77 27.06 -11.66
C GLU A 386 25.59 28.01 -11.52
N ARG A 387 25.53 29.02 -12.40
CA ARG A 387 24.45 29.99 -12.31
C ARG A 387 23.14 29.27 -12.54
N LEU A 388 23.03 28.55 -13.67
CA LEU A 388 21.80 27.87 -14.03
C LEU A 388 21.40 26.95 -12.88
N ILE A 389 22.29 26.00 -12.59
CA ILE A 389 22.02 25.02 -11.56
C ILE A 389 21.45 25.74 -10.34
N LYS A 390 21.98 26.93 -10.04
CA LYS A 390 21.64 27.71 -8.84
C LYS A 390 20.33 28.48 -8.99
N ASN A 391 19.75 28.51 -10.20
CA ASN A 391 18.51 29.27 -10.43
C ASN A 391 17.33 28.65 -9.69
N GLN A 392 17.44 27.40 -9.23
CA GLN A 392 16.39 26.78 -8.44
C GLN A 392 16.79 26.75 -6.96
N GLN A 393 16.24 27.67 -6.16
CA GLN A 393 16.71 27.93 -4.81
C GLN A 393 15.94 27.06 -3.80
N GLN A 394 14.77 26.57 -4.25
CA GLN A 394 14.00 25.59 -3.51
C GLN A 394 14.65 24.21 -3.69
N SER A 395 14.52 23.38 -2.66
CA SER A 395 15.05 22.03 -2.67
C SER A 395 13.88 21.05 -2.59
N TYR A 396 14.08 19.85 -3.18
CA TYR A 396 13.20 18.71 -2.98
C TYR A 396 11.88 18.91 -3.72
N PHE A 397 11.06 19.87 -3.28
CA PHE A 397 9.87 20.27 -4.03
C PHE A 397 9.97 21.73 -4.43
N ALA A 398 9.25 22.07 -5.51
CA ALA A 398 9.19 23.43 -6.03
C ALA A 398 7.81 23.69 -6.65
N ASN A 399 7.65 24.88 -7.24
CA ASN A 399 6.44 25.24 -7.98
C ASN A 399 6.54 24.67 -9.39
N ALA A 400 5.41 24.20 -9.93
CA ALA A 400 5.38 23.53 -11.21
C ALA A 400 4.85 24.41 -12.33
N LEU A 401 4.81 25.74 -12.13
CA LEU A 401 4.13 26.65 -13.05
C LEU A 401 2.76 26.05 -13.43
N PRO A 402 1.85 25.81 -12.46
CA PRO A 402 0.61 25.08 -12.71
C PRO A 402 -0.30 25.73 -13.76
N GLN A 403 -1.29 24.97 -14.25
CA GLN A 403 -2.37 25.54 -15.06
C GLN A 403 -3.39 26.15 -14.11
N GLN A 404 -4.19 27.09 -14.62
CA GLN A 404 -5.25 27.69 -13.83
C GLN A 404 -6.33 28.22 -14.77
N GLN A 405 -6.89 29.40 -14.46
CA GLN A 405 -8.03 29.95 -15.17
C GLN A 405 -7.61 31.12 -16.06
N GLN A 406 -8.48 31.44 -17.04
CA GLN A 406 -8.49 32.68 -17.80
C GLN A 406 -9.37 32.53 -19.03
N GLN A 407 -10.55 33.17 -18.98
CA GLN A 407 -11.59 32.98 -19.98
C GLN A 407 -12.00 31.51 -19.97
N SER A 408 -12.22 30.95 -18.78
CA SER A 408 -12.33 29.52 -18.59
C SER A 408 -13.28 29.16 -17.45
N GLU A 409 -13.98 28.02 -17.61
CA GLU A 409 -14.85 27.47 -16.59
C GLU A 409 -14.96 25.96 -16.78
C ACT B . -10.97 -13.99 0.13
O ACT B . -11.99 -14.71 -0.09
OXT ACT B . -10.01 -14.32 0.85
CH3 ACT B . -10.89 -12.59 -0.52
NA NA C . 9.79 31.71 -11.85
K K D . 10.47 8.67 -4.25
#